data_4CRE
#
_entry.id   4CRE
#
_cell.length_a   120.990
_cell.length_b   120.990
_cell.length_c   120.990
_cell.angle_alpha   90.00
_cell.angle_beta   90.00
_cell.angle_gamma   90.00
#
_symmetry.space_group_name_H-M   'I 2 3'
#
loop_
_entity.id
_entity.type
_entity.pdbx_description
1 polymer 'COAGULATION FACTOR XI'
2 non-polymer 6-chloro-4-methyl-1H-quinolin-2-one
3 non-polymer 'SULFATE ION'
4 water water
#
_entity_poly.entity_id   1
_entity_poly.type   'polypeptide(L)'
_entity_poly.pdbx_seq_one_letter_code
;IVGGTASVRGEWPWQVTLHTTSPTQRHLCGGSIIGNQWILTAAHCFYGVESPKILRVYSGILNQAEIAEDTSFFGVQEII
IHDQYKMAESGYDIALLKLETTVNYADSQRPISLPSKGERNVIYTDCWVTGWGYRKLRDKIQNTLQKAKIPLVTNEECQK
RYRGHKITHKMICAGYREGGKDACKGDSGGPLSCKHNEVWHLVGITSWGEGCAQRERPGVYTNVVEYVDWILEKTQAV
;
_entity_poly.pdbx_strand_id   A
#
loop_
_chem_comp.id
_chem_comp.type
_chem_comp.name
_chem_comp.formula
MVN non-polymer 6-chloro-4-methyl-1H-quinolin-2-one 'C10 H8 Cl N O'
SO4 non-polymer 'SULFATE ION' 'O4 S -2'
#
# COMPACT_ATOMS: atom_id res chain seq x y z
N ILE A 1 -9.72 1.04 -6.16
CA ILE A 1 -10.30 -0.22 -5.62
C ILE A 1 -11.55 -0.57 -6.43
N VAL A 2 -11.59 -1.79 -6.94
CA VAL A 2 -12.73 -2.31 -7.70
C VAL A 2 -13.62 -3.10 -6.74
N GLY A 3 -14.93 -2.87 -6.82
CA GLY A 3 -15.91 -3.66 -6.08
C GLY A 3 -15.91 -3.40 -4.59
N GLY A 4 -15.39 -2.24 -4.20
CA GLY A 4 -15.28 -1.88 -2.80
C GLY A 4 -16.41 -0.96 -2.39
N THR A 5 -16.31 -0.43 -1.17
CA THR A 5 -17.29 0.54 -0.67
C THR A 5 -16.55 1.67 0.03
N ALA A 6 -17.27 2.76 0.25
CA ALA A 6 -16.72 3.92 0.94
C ALA A 6 -16.34 3.57 2.36
N SER A 7 -15.17 4.02 2.79
CA SER A 7 -14.72 3.80 4.16
C SER A 7 -15.42 4.77 5.13
N VAL A 8 -15.47 4.34 6.39
CA VAL A 8 -15.81 5.20 7.52
C VAL A 8 -14.60 6.08 7.81
N ARG A 9 -14.83 7.36 8.08
CA ARG A 9 -13.73 8.27 8.41
CA ARG A 9 -13.73 8.26 8.39
C ARG A 9 -12.81 7.67 9.47
N GLY A 10 -11.52 7.62 9.16
CA GLY A 10 -10.51 7.16 10.10
C GLY A 10 -10.49 5.70 10.50
N GLU A 11 -11.22 4.84 9.78
CA GLU A 11 -11.17 3.42 10.11
C GLU A 11 -9.87 2.76 9.60
N TRP A 12 -9.14 3.46 8.75
CA TRP A 12 -7.81 3.03 8.28
C TRP A 12 -6.79 4.14 8.59
N PRO A 13 -6.49 4.38 9.89
CA PRO A 13 -5.75 5.59 10.25
C PRO A 13 -4.26 5.55 9.88
N TRP A 14 -3.76 4.39 9.45
CA TRP A 14 -2.39 4.30 8.94
C TRP A 14 -2.31 4.64 7.45
N GLN A 15 -3.45 4.67 6.75
CA GLN A 15 -3.47 4.97 5.31
C GLN A 15 -3.16 6.44 5.03
N VAL A 16 -2.14 6.68 4.22
CA VAL A 16 -1.87 8.01 3.69
C VAL A 16 -2.11 8.06 2.18
N THR A 17 -2.27 9.28 1.69
CA THR A 17 -2.27 9.57 0.25
C THR A 17 -1.01 10.39 -0.02
N LEU A 18 -0.20 9.88 -0.96
CA LEU A 18 1.05 10.49 -1.37
C LEU A 18 0.75 11.23 -2.66
N HIS A 19 0.97 12.55 -2.64
CA HIS A 19 0.79 13.40 -3.80
C HIS A 19 2.12 13.80 -4.40
N THR A 20 2.11 14.03 -5.71
CA THR A 20 3.20 14.72 -6.37
C THR A 20 2.68 16.09 -6.74
N THR A 21 3.57 17.08 -6.73
CA THR A 21 3.20 18.46 -7.07
C THR A 21 3.52 18.76 -8.54
N SER A 22 4.15 17.82 -9.23
CA SER A 22 4.64 18.03 -10.59
C SER A 22 3.85 17.21 -11.62
N PRO A 23 3.36 17.85 -12.70
CA PRO A 23 3.41 19.30 -13.00
C PRO A 23 2.45 20.12 -12.16
N THR A 24 1.26 19.58 -11.90
CA THR A 24 0.35 20.13 -10.92
C THR A 24 0.00 19.02 -9.93
N GLN A 25 -0.62 19.39 -8.81
CA GLN A 25 -0.73 18.45 -7.70
C GLN A 25 -1.78 17.39 -7.96
N ARG A 26 -1.42 16.13 -7.66
CA ARG A 26 -2.34 15.01 -7.84
C ARG A 26 -1.91 13.87 -6.93
N HIS A 27 -2.88 13.04 -6.57
CA HIS A 27 -2.59 11.77 -5.90
C HIS A 27 -1.72 10.88 -6.78
N LEU A 28 -0.68 10.31 -6.17
CA LEU A 28 0.23 9.40 -6.85
C LEU A 28 0.04 7.97 -6.39
N CYS A 29 0.06 7.76 -5.08
CA CYS A 29 0.05 6.41 -4.52
C CYS A 29 -0.49 6.41 -3.10
N GLY A 30 -0.81 5.22 -2.62
CA GLY A 30 -1.07 5.02 -1.20
C GLY A 30 0.21 4.73 -0.43
N GLY A 31 0.08 4.68 0.89
CA GLY A 31 1.20 4.32 1.76
C GLY A 31 0.66 4.07 3.15
N SER A 32 1.53 3.60 4.05
CA SER A 32 1.13 3.29 5.42
C SER A 32 2.07 3.90 6.45
N ILE A 33 1.51 4.54 7.47
CA ILE A 33 2.30 5.02 8.59
C ILE A 33 2.79 3.81 9.39
N ILE A 34 4.10 3.63 9.49
CA ILE A 34 4.67 2.55 10.31
C ILE A 34 5.55 3.06 11.45
N GLY A 35 5.81 4.35 11.46
CA GLY A 35 6.60 5.01 12.50
C GLY A 35 6.33 6.51 12.47
N ASN A 36 6.78 7.21 13.52
CA ASN A 36 6.50 8.65 13.63
CA ASN A 36 6.57 8.66 13.66
C ASN A 36 7.06 9.47 12.45
N GLN A 37 8.11 8.98 11.81
CA GLN A 37 8.74 9.66 10.67
C GLN A 37 8.76 8.81 9.41
N TRP A 38 7.98 7.73 9.38
CA TRP A 38 8.16 6.68 8.35
C TRP A 38 6.88 6.22 7.69
N ILE A 39 6.87 6.28 6.35
CA ILE A 39 5.80 5.73 5.55
C ILE A 39 6.37 4.54 4.77
N LEU A 40 5.67 3.42 4.78
CA LEU A 40 6.02 2.28 3.95
C LEU A 40 5.11 2.26 2.71
N THR A 41 5.71 2.11 1.54
CA THR A 41 4.96 2.20 0.28
C THR A 41 5.63 1.33 -0.80
N ALA A 42 5.22 1.46 -2.06
CA ALA A 42 5.78 0.63 -3.13
C ALA A 42 6.86 1.39 -3.91
N ALA A 43 7.95 0.70 -4.23
CA ALA A 43 9.06 1.30 -4.97
C ALA A 43 8.61 1.82 -6.33
N HIS A 44 7.69 1.11 -6.97
CA HIS A 44 7.30 1.46 -8.34
C HIS A 44 6.61 2.80 -8.43
N CYS A 45 6.10 3.29 -7.29
CA CYS A 45 5.50 4.61 -7.23
C CYS A 45 6.43 5.75 -7.65
N PHE A 46 7.74 5.53 -7.60
CA PHE A 46 8.71 6.60 -7.79
C PHE A 46 9.38 6.60 -9.16
N TYR A 47 8.76 5.90 -10.10
CA TYR A 47 9.22 5.94 -11.48
C TYR A 47 9.23 7.39 -11.93
N GLY A 48 10.37 7.85 -12.43
CA GLY A 48 10.50 9.22 -12.90
C GLY A 48 10.49 10.31 -11.83
N VAL A 49 10.43 9.94 -10.56
CA VAL A 49 10.53 10.91 -9.47
C VAL A 49 12.01 11.13 -9.20
N GLU A 50 12.51 12.34 -9.48
CA GLU A 50 13.95 12.61 -9.36
C GLU A 50 14.35 13.28 -8.05
N SER A 51 13.36 13.76 -7.30
CA SER A 51 13.59 14.46 -6.04
C SER A 51 12.43 14.26 -5.07
N PRO A 52 12.74 14.12 -3.76
CA PRO A 52 11.65 14.08 -2.77
C PRO A 52 10.94 15.43 -2.58
N LYS A 53 11.49 16.50 -3.16
CA LYS A 53 10.93 17.84 -2.99
C LYS A 53 9.51 18.00 -3.56
N ILE A 54 9.18 17.19 -4.56
CA ILE A 54 7.85 17.26 -5.19
C ILE A 54 6.80 16.38 -4.49
N LEU A 55 7.15 15.71 -3.41
CA LEU A 55 6.23 14.81 -2.71
C LEU A 55 5.58 15.46 -1.51
N ARG A 56 4.30 15.13 -1.30
CA ARG A 56 3.57 15.55 -0.11
C ARG A 56 2.79 14.38 0.41
N VAL A 57 2.89 14.12 1.72
CA VAL A 57 2.16 13.03 2.34
C VAL A 57 1.05 13.62 3.18
N TYR A 58 -0.18 13.21 2.91
CA TYR A 58 -1.34 13.63 3.67
C TYR A 58 -1.87 12.49 4.51
N SER A 59 -1.97 12.73 5.81
CA SER A 59 -2.54 11.79 6.78
C SER A 59 -3.90 12.26 7.22
N GLY A 60 -4.68 11.34 7.77
CA GLY A 60 -5.99 11.67 8.33
C GLY A 60 -7.03 12.06 7.30
N ILE A 61 -6.89 11.53 6.07
CA ILE A 61 -7.77 11.89 4.97
C ILE A 61 -8.78 10.78 4.70
N LEU A 62 -10.04 11.18 4.49
CA LEU A 62 -11.05 10.29 3.93
C LEU A 62 -11.29 10.63 2.46
N ASN A 63 -11.65 11.89 2.23
CA ASN A 63 -11.93 12.42 0.90
C ASN A 63 -10.81 13.27 0.34
N GLN A 64 -10.44 13.02 -0.91
CA GLN A 64 -9.45 13.86 -1.61
C GLN A 64 -9.83 15.35 -1.61
N ALA A 65 -11.14 15.63 -1.60
CA ALA A 65 -11.67 17.00 -1.50
C ALA A 65 -11.21 17.76 -0.24
N GLU A 66 -10.76 17.02 0.78
CA GLU A 66 -10.18 17.64 1.98
C GLU A 66 -8.87 18.34 1.68
N ILE A 67 -8.22 17.94 0.60
CA ILE A 67 -6.88 18.44 0.28
C ILE A 67 -6.95 19.67 -0.59
N ALA A 68 -6.55 20.81 -0.02
CA ALA A 68 -6.50 22.07 -0.74
C ALA A 68 -5.13 22.71 -0.51
N GLU A 69 -4.88 23.87 -1.10
CA GLU A 69 -3.59 24.55 -0.93
CA GLU A 69 -3.60 24.59 -0.92
C GLU A 69 -3.29 24.82 0.55
N ASP A 70 -4.34 25.02 1.35
CA ASP A 70 -4.20 25.33 2.77
C ASP A 70 -4.21 24.11 3.71
N THR A 71 -4.22 22.89 3.15
CA THR A 71 -4.23 21.68 3.96
C THR A 71 -2.80 21.33 4.39
N SER A 72 -2.62 20.95 5.65
CA SER A 72 -1.30 20.57 6.15
C SER A 72 -0.90 19.20 5.60
N PHE A 73 0.40 19.05 5.41
CA PHE A 73 0.99 17.82 4.89
C PHE A 73 2.37 17.61 5.49
N PHE A 74 2.93 16.43 5.23
CA PHE A 74 4.29 16.12 5.61
C PHE A 74 5.19 16.13 4.39
N GLY A 75 6.28 16.88 4.49
CA GLY A 75 7.31 16.84 3.48
C GLY A 75 8.09 15.55 3.55
N VAL A 76 8.76 15.20 2.45
CA VAL A 76 9.60 14.01 2.38
C VAL A 76 11.07 14.41 2.34
N GLN A 77 11.83 13.90 3.31
CA GLN A 77 13.24 14.18 3.42
C GLN A 77 14.06 13.23 2.57
N GLU A 78 13.63 11.97 2.49
CA GLU A 78 14.37 10.94 1.79
C GLU A 78 13.46 9.84 1.26
N ILE A 79 13.74 9.40 0.04
CA ILE A 79 13.10 8.23 -0.54
C ILE A 79 14.11 7.09 -0.48
N ILE A 80 13.75 6.00 0.17
CA ILE A 80 14.61 4.82 0.26
C ILE A 80 13.97 3.66 -0.51
N ILE A 81 14.56 3.31 -1.64
CA ILE A 81 14.05 2.21 -2.48
C ILE A 81 14.92 0.98 -2.26
N HIS A 82 14.31 -0.20 -2.17
CA HIS A 82 15.08 -1.44 -1.98
C HIS A 82 16.13 -1.54 -3.09
N ASP A 83 17.37 -1.85 -2.72
CA ASP A 83 18.46 -1.84 -3.71
CA ASP A 83 18.49 -1.88 -3.68
C ASP A 83 18.34 -2.93 -4.79
N GLN A 84 17.51 -3.94 -4.55
CA GLN A 84 17.25 -5.01 -5.51
C GLN A 84 16.01 -4.78 -6.38
N TYR A 85 15.26 -3.72 -6.08
CA TYR A 85 14.10 -3.39 -6.88
C TYR A 85 14.48 -3.03 -8.32
N LYS A 86 13.79 -3.66 -9.27
CA LYS A 86 13.87 -3.29 -10.68
C LYS A 86 12.51 -2.96 -11.23
N MET A 87 11.53 -3.81 -10.96
CA MET A 87 10.13 -3.50 -11.26
C MET A 87 9.16 -4.35 -10.46
N ALA A 88 7.93 -3.88 -10.39
CA ALA A 88 6.91 -4.50 -9.56
C ALA A 88 6.82 -6.01 -9.78
N GLU A 89 6.77 -6.42 -11.05
CA GLU A 89 6.52 -7.82 -11.38
C GLU A 89 7.68 -8.77 -11.02
N SER A 90 8.85 -8.21 -10.70
CA SER A 90 9.98 -9.04 -10.29
CA SER A 90 10.02 -8.98 -10.28
C SER A 90 10.23 -8.98 -8.78
N GLY A 91 9.35 -8.31 -8.03
CA GLY A 91 9.44 -8.29 -6.57
C GLY A 91 10.26 -7.12 -6.04
N TYR A 92 10.59 -7.18 -4.76
CA TYR A 92 11.31 -6.11 -4.07
C TYR A 92 10.62 -4.74 -4.22
N ASP A 93 9.31 -4.76 -4.39
CA ASP A 93 8.52 -3.55 -4.60
C ASP A 93 8.18 -2.95 -3.25
N ILE A 94 9.17 -2.31 -2.66
CA ILE A 94 9.06 -1.75 -1.33
C ILE A 94 9.96 -0.52 -1.22
N ALA A 95 9.43 0.50 -0.55
CA ALA A 95 10.14 1.74 -0.36
C ALA A 95 9.70 2.39 0.96
N LEU A 96 10.62 3.15 1.54
CA LEU A 96 10.35 3.94 2.73
C LEU A 96 10.44 5.42 2.40
N LEU A 97 9.50 6.20 2.94
CA LEU A 97 9.62 7.64 2.94
C LEU A 97 9.95 8.11 4.35
N LYS A 98 11.09 8.78 4.48
CA LYS A 98 11.46 9.44 5.72
C LYS A 98 10.90 10.86 5.67
N LEU A 99 10.03 11.18 6.62
CA LEU A 99 9.36 12.47 6.63
C LEU A 99 10.24 13.57 7.21
N GLU A 100 9.99 14.81 6.79
CA GLU A 100 10.75 15.96 7.26
C GLU A 100 10.41 16.30 8.71
N THR A 101 9.16 16.04 9.09
CA THR A 101 8.70 16.26 10.45
C THR A 101 8.03 14.99 10.97
N THR A 102 7.74 14.94 12.27
CA THR A 102 7.16 13.73 12.85
C THR A 102 5.64 13.83 12.94
N VAL A 103 4.98 12.70 12.74
CA VAL A 103 3.53 12.61 12.83
C VAL A 103 3.14 12.59 14.31
N ASN A 104 2.24 13.48 14.71
CA ASN A 104 1.64 13.43 16.03
C ASN A 104 0.42 12.53 15.95
N TYR A 105 0.50 11.38 16.62
CA TYR A 105 -0.54 10.38 16.49
C TYR A 105 -1.83 10.84 17.14
N ALA A 106 -2.93 10.38 16.57
CA ALA A 106 -4.27 10.71 17.02
C ALA A 106 -5.22 9.65 16.46
N ASP A 107 -6.49 9.77 16.80
CA ASP A 107 -7.48 8.81 16.34
C ASP A 107 -7.49 8.69 14.81
N SER A 108 -7.18 9.78 14.09
CA SER A 108 -7.22 9.77 12.61
C SER A 108 -5.90 9.40 11.95
N GLN A 109 -4.82 9.32 12.72
CA GLN A 109 -3.50 9.03 12.16
C GLN A 109 -2.59 8.35 13.17
N ARG A 110 -2.34 7.06 12.96
CA ARG A 110 -1.54 6.27 13.87
C ARG A 110 -0.91 5.12 13.10
N PRO A 111 0.15 4.51 13.66
CA PRO A 111 0.91 3.55 12.87
C PRO A 111 0.30 2.16 12.92
N ILE A 112 0.49 1.40 11.84
CA ILE A 112 0.08 0.01 11.79
C ILE A 112 1.26 -0.88 12.15
N SER A 113 0.99 -1.93 12.92
CA SER A 113 2.02 -2.87 13.33
C SER A 113 2.49 -3.71 12.17
N LEU A 114 3.78 -3.98 12.14
CA LEU A 114 4.35 -4.90 11.16
C LEU A 114 4.03 -6.34 11.56
N PRO A 115 3.95 -7.24 10.57
CA PRO A 115 3.73 -8.65 10.85
C PRO A 115 4.93 -9.25 11.56
N SER A 116 4.66 -10.23 12.42
CA SER A 116 5.70 -10.93 13.14
C SER A 116 6.10 -12.17 12.33
N LYS A 117 7.38 -12.49 12.31
CA LYS A 117 7.86 -13.72 11.66
C LYS A 117 7.13 -14.96 12.20
N GLY A 118 6.74 -14.90 13.48
CA GLY A 118 5.97 -15.97 14.12
C GLY A 118 4.52 -16.10 13.68
N GLU A 119 4.02 -15.10 12.95
CA GLU A 119 2.67 -15.13 12.43
CA GLU A 119 2.67 -15.10 12.42
C GLU A 119 2.66 -15.63 10.98
N ARG A 120 3.82 -16.01 10.45
CA ARG A 120 3.92 -16.61 9.11
C ARG A 120 2.99 -17.82 8.99
N ASN A 121 2.91 -18.60 10.06
CA ASN A 121 1.99 -19.75 10.16
C ASN A 121 0.51 -19.38 10.26
N VAL A 122 0.21 -18.15 10.68
CA VAL A 122 -1.17 -17.68 10.82
C VAL A 122 -1.88 -17.68 9.48
N ILE A 123 -3.13 -18.15 9.50
CA ILE A 123 -4.05 -17.99 8.38
C ILE A 123 -4.82 -16.70 8.66
N TYR A 124 -4.44 -15.62 7.97
CA TYR A 124 -5.18 -14.37 8.06
C TYR A 124 -6.49 -14.52 7.30
N THR A 125 -7.61 -14.34 7.98
CA THR A 125 -8.94 -14.51 7.38
C THR A 125 -9.74 -13.21 7.27
N ASP A 126 -9.18 -12.09 7.72
CA ASP A 126 -9.86 -10.80 7.73
C ASP A 126 -8.94 -9.72 7.15
N CYS A 127 -8.80 -9.73 5.83
CA CYS A 127 -7.86 -8.86 5.11
C CYS A 127 -8.59 -7.90 4.20
N TRP A 128 -8.12 -6.65 4.18
CA TRP A 128 -8.76 -5.58 3.44
C TRP A 128 -7.73 -4.80 2.64
N VAL A 129 -8.08 -4.44 1.41
CA VAL A 129 -7.26 -3.55 0.60
C VAL A 129 -8.00 -2.22 0.45
N THR A 130 -7.24 -1.13 0.55
CA THR A 130 -7.81 0.21 0.63
C THR A 130 -7.09 1.18 -0.29
N GLY A 131 -7.81 2.19 -0.76
CA GLY A 131 -7.19 3.26 -1.53
C GLY A 131 -8.16 4.13 -2.31
N TRP A 132 -7.57 5.12 -2.99
CA TRP A 132 -8.30 6.09 -3.80
C TRP A 132 -8.13 5.80 -5.30
N GLY A 133 -7.69 4.60 -5.61
CA GLY A 133 -7.46 4.21 -7.00
C GLY A 133 -8.71 4.01 -7.83
N TYR A 134 -8.47 3.64 -9.09
CA TYR A 134 -9.53 3.42 -10.07
C TYR A 134 -10.54 2.34 -9.64
N ARG A 135 -11.79 2.50 -10.06
CA ARG A 135 -12.82 1.47 -9.89
C ARG A 135 -12.88 0.52 -11.09
N LYS A 136 -12.08 0.82 -12.12
CA LYS A 136 -11.92 -0.04 -13.30
C LYS A 136 -10.65 0.34 -14.05
N LEU A 137 -10.16 -0.55 -14.91
CA LEU A 137 -8.80 -0.41 -15.49
C LEU A 137 -8.54 0.98 -16.09
N ARG A 138 -9.51 1.51 -16.83
CA ARG A 138 -9.45 2.88 -17.35
C ARG A 138 -10.54 3.68 -16.65
N ASP A 139 -10.09 4.56 -15.74
CA ASP A 139 -11.00 5.31 -14.88
C ASP A 139 -10.21 6.51 -14.35
N LYS A 140 -10.48 6.91 -13.12
CA LYS A 140 -9.78 8.03 -12.49
C LYS A 140 -9.76 7.87 -10.98
N ILE A 141 -8.98 8.72 -10.33
CA ILE A 141 -8.82 8.70 -8.88
C ILE A 141 -10.17 9.00 -8.24
N GLN A 142 -10.50 8.24 -7.20
CA GLN A 142 -11.77 8.35 -6.50
C GLN A 142 -11.66 9.31 -5.31
N ASN A 143 -12.72 10.06 -5.04
CA ASN A 143 -12.72 11.04 -3.95
C ASN A 143 -12.62 10.38 -2.58
N THR A 144 -13.53 9.44 -2.32
CA THR A 144 -13.63 8.78 -1.02
C THR A 144 -12.81 7.49 -0.96
N LEU A 145 -12.01 7.37 0.10
CA LEU A 145 -11.20 6.19 0.36
C LEU A 145 -12.06 4.93 0.33
N GLN A 146 -11.72 3.99 -0.55
CA GLN A 146 -12.49 2.77 -0.73
C GLN A 146 -11.84 1.60 -0.01
N LYS A 147 -12.65 0.63 0.37
CA LYS A 147 -12.18 -0.60 1.02
C LYS A 147 -12.82 -1.80 0.37
N ALA A 148 -12.10 -2.91 0.35
CA ALA A 148 -12.63 -4.19 -0.12
C ALA A 148 -11.99 -5.31 0.68
N LYS A 149 -12.84 -6.22 1.15
CA LYS A 149 -12.38 -7.41 1.86
C LYS A 149 -12.03 -8.47 0.84
N ILE A 150 -10.82 -8.99 0.89
CA ILE A 150 -10.33 -9.94 -0.12
CA ILE A 150 -10.37 -9.96 -0.10
C ILE A 150 -9.60 -11.10 0.56
N PRO A 151 -9.88 -12.34 0.14
CA PRO A 151 -9.19 -13.44 0.79
C PRO A 151 -7.79 -13.67 0.23
N LEU A 152 -6.86 -14.00 1.11
CA LEU A 152 -5.53 -14.42 0.66
C LEU A 152 -5.61 -15.72 -0.12
N VAL A 153 -4.70 -15.86 -1.08
CA VAL A 153 -4.60 -17.01 -1.96
C VAL A 153 -3.21 -17.60 -1.72
N THR A 154 -3.08 -18.92 -1.76
CA THR A 154 -1.77 -19.54 -1.55
C THR A 154 -0.82 -19.17 -2.69
N ASN A 155 0.47 -19.17 -2.42
CA ASN A 155 1.45 -18.87 -3.47
C ASN A 155 1.42 -19.92 -4.58
N GLU A 156 1.12 -21.15 -4.23
CA GLU A 156 0.96 -22.22 -5.22
C GLU A 156 -0.19 -21.88 -6.18
N GLU A 157 -1.33 -21.50 -5.62
CA GLU A 157 -2.48 -21.09 -6.42
C GLU A 157 -2.17 -19.84 -7.24
N CYS A 158 -1.53 -18.86 -6.61
CA CYS A 158 -1.19 -17.62 -7.30
C CYS A 158 -0.31 -17.89 -8.52
N GLN A 159 0.70 -18.74 -8.35
CA GLN A 159 1.61 -19.12 -9.43
C GLN A 159 0.88 -19.75 -10.62
N LYS A 160 -0.16 -20.53 -10.34
CA LYS A 160 -1.00 -21.12 -11.39
C LYS A 160 -1.65 -20.07 -12.28
N ARG A 161 -2.00 -18.95 -11.67
CA ARG A 161 -2.70 -17.87 -12.38
C ARG A 161 -1.77 -16.92 -13.12
N TYR A 162 -0.48 -16.95 -12.80
CA TYR A 162 0.52 -16.11 -13.45
C TYR A 162 1.66 -16.97 -14.01
N ARG A 163 1.34 -17.76 -15.03
CA ARG A 163 2.31 -18.73 -15.59
C ARG A 163 3.53 -18.08 -16.23
N GLY A 164 3.38 -16.84 -16.69
CA GLY A 164 4.48 -16.09 -17.27
C GLY A 164 5.35 -15.34 -16.27
N HIS A 165 5.04 -15.47 -14.98
CA HIS A 165 5.83 -14.83 -13.92
C HIS A 165 6.38 -15.84 -12.93
N LYS A 166 7.33 -15.39 -12.12
CA LYS A 166 7.70 -16.12 -10.92
C LYS A 166 7.07 -15.45 -9.71
N ILE A 167 6.11 -16.12 -9.11
CA ILE A 167 5.49 -15.65 -7.88
C ILE A 167 6.33 -16.23 -6.74
N THR A 168 7.07 -15.35 -6.08
CA THR A 168 8.06 -15.75 -5.08
C THR A 168 7.46 -15.72 -3.68
N HIS A 169 8.19 -16.27 -2.72
CA HIS A 169 7.77 -16.23 -1.32
C HIS A 169 7.84 -14.82 -0.73
N LYS A 170 8.42 -13.88 -1.47
CA LYS A 170 8.44 -12.47 -1.06
C LYS A 170 7.23 -11.71 -1.60
N MET A 171 6.35 -12.43 -2.28
CA MET A 171 5.05 -11.92 -2.70
C MET A 171 3.94 -12.65 -1.98
N ILE A 172 2.80 -11.98 -1.86
CA ILE A 172 1.59 -12.59 -1.33
C ILE A 172 0.43 -12.13 -2.20
N CYS A 173 -0.49 -13.06 -2.49
CA CYS A 173 -1.59 -12.79 -3.39
C CYS A 173 -2.93 -12.85 -2.67
N ALA A 174 -3.87 -12.08 -3.20
CA ALA A 174 -5.22 -12.01 -2.67
C ALA A 174 -6.20 -11.75 -3.79
N GLY A 175 -7.31 -12.48 -3.79
CA GLY A 175 -8.33 -12.29 -4.80
C GLY A 175 -9.39 -13.36 -4.72
N TYR A 176 -10.52 -13.08 -5.36
CA TYR A 176 -11.58 -14.07 -5.53
C TYR A 176 -11.37 -14.78 -6.85
N ARG A 177 -11.61 -16.09 -6.87
CA ARG A 177 -11.54 -16.88 -8.10
C ARG A 177 -12.30 -16.20 -9.24
N GLU A 178 -13.51 -15.75 -8.93
CA GLU A 178 -14.42 -15.12 -9.89
C GLU A 178 -14.12 -13.63 -10.15
N GLY A 179 -13.09 -13.11 -9.49
CA GLY A 179 -12.74 -11.69 -9.60
C GLY A 179 -13.77 -10.80 -8.93
N GLY A 180 -13.79 -9.53 -9.34
CA GLY A 180 -14.82 -8.58 -8.89
C GLY A 180 -14.38 -7.60 -7.81
N LYS A 181 -13.41 -7.99 -7.00
CA LYS A 181 -12.82 -7.12 -5.97
C LYS A 181 -11.29 -7.17 -6.03
N ASP A 182 -10.65 -6.01 -6.04
CA ASP A 182 -9.20 -5.93 -6.27
C ASP A 182 -8.73 -4.50 -6.10
N ALA A 183 -7.41 -4.33 -5.95
CA ALA A 183 -6.78 -3.04 -6.15
C ALA A 183 -6.74 -2.69 -7.64
N CYS A 184 -6.47 -1.43 -7.93
CA CYS A 184 -6.29 -0.99 -9.31
C CYS A 184 -5.33 0.20 -9.35
N LYS A 185 -5.17 0.81 -10.51
CA LYS A 185 -4.26 1.94 -10.67
C LYS A 185 -4.57 3.02 -9.64
N GLY A 186 -3.54 3.50 -8.97
CA GLY A 186 -3.69 4.53 -7.93
C GLY A 186 -3.75 3.96 -6.52
N ASP A 187 -3.98 2.67 -6.38
CA ASP A 187 -3.97 2.01 -5.07
C ASP A 187 -2.56 1.56 -4.68
N SER A 188 -1.66 1.52 -5.66
CA SER A 188 -0.26 1.13 -5.45
C SER A 188 0.35 1.73 -4.19
N GLY A 189 1.09 0.92 -3.44
CA GLY A 189 1.81 1.38 -2.28
C GLY A 189 1.00 1.39 -1.00
N GLY A 190 -0.33 1.30 -1.12
CA GLY A 190 -1.19 1.20 0.06
C GLY A 190 -1.12 -0.15 0.73
N PRO A 191 -1.81 -0.28 1.86
CA PRO A 191 -1.78 -1.51 2.65
C PRO A 191 -2.76 -2.58 2.21
N LEU A 192 -2.33 -3.83 2.44
CA LEU A 192 -3.21 -4.96 2.61
C LEU A 192 -3.16 -5.23 4.12
N SER A 193 -4.22 -4.83 4.80
CA SER A 193 -4.31 -4.87 6.26
C SER A 193 -5.16 -6.06 6.70
N CYS A 194 -4.61 -6.85 7.62
CA CYS A 194 -5.30 -8.03 8.13
C CYS A 194 -5.38 -7.92 9.64
N LYS A 195 -6.59 -8.12 10.16
CA LYS A 195 -6.85 -8.05 11.58
C LYS A 195 -6.81 -9.45 12.16
N HIS A 196 -5.92 -9.65 13.12
CA HIS A 196 -5.74 -10.95 13.75
C HIS A 196 -5.52 -10.77 15.24
N ASN A 197 -6.33 -11.45 16.04
CA ASN A 197 -6.32 -11.31 17.51
C ASN A 197 -6.47 -9.85 17.93
N GLU A 198 -7.47 -9.20 17.36
CA GLU A 198 -7.82 -7.78 17.62
C GLU A 198 -6.72 -6.77 17.30
N VAL A 199 -5.74 -7.15 16.49
CA VAL A 199 -4.66 -6.24 16.10
C VAL A 199 -4.55 -6.22 14.57
N TRP A 200 -4.47 -5.01 14.01
CA TRP A 200 -4.26 -4.85 12.57
C TRP A 200 -2.79 -5.00 12.24
N HIS A 201 -2.49 -5.80 11.22
CA HIS A 201 -1.11 -6.04 10.79
C HIS A 201 -0.97 -5.66 9.33
N LEU A 202 0.15 -5.04 8.99
CA LEU A 202 0.45 -4.66 7.60
C LEU A 202 1.06 -5.88 6.89
N VAL A 203 0.19 -6.68 6.29
CA VAL A 203 0.59 -7.96 5.69
C VAL A 203 1.17 -7.76 4.29
N GLY A 204 0.56 -6.88 3.51
CA GLY A 204 1.04 -6.62 2.15
C GLY A 204 1.09 -5.17 1.76
N ILE A 205 1.82 -4.90 0.68
CA ILE A 205 1.83 -3.60 0.01
C ILE A 205 1.32 -3.83 -1.42
N THR A 206 0.28 -3.08 -1.79
CA THR A 206 -0.34 -3.18 -3.12
C THR A 206 0.70 -2.94 -4.21
N SER A 207 0.86 -3.92 -5.09
CA SER A 207 1.99 -3.93 -6.03
C SER A 207 1.55 -4.01 -7.49
N TRP A 208 0.95 -5.12 -7.90
CA TRP A 208 0.55 -5.29 -9.29
C TRP A 208 -0.45 -6.42 -9.51
N GLY A 209 -1.02 -6.44 -10.70
CA GLY A 209 -1.82 -7.57 -11.17
C GLY A 209 -2.06 -7.38 -12.66
N GLU A 210 -2.55 -8.41 -13.34
CA GLU A 210 -2.93 -8.25 -14.75
C GLU A 210 -4.36 -7.72 -14.85
N GLY A 211 -4.47 -6.44 -15.20
CA GLY A 211 -5.77 -5.76 -15.16
C GLY A 211 -6.19 -5.52 -13.73
N CYS A 212 -7.49 -5.37 -13.51
CA CYS A 212 -8.03 -5.15 -12.17
C CYS A 212 -9.28 -6.00 -11.98
N ALA A 213 -9.27 -6.83 -10.96
CA ALA A 213 -10.43 -7.62 -10.51
C ALA A 213 -10.89 -8.66 -11.52
N GLN A 214 -9.99 -9.08 -12.39
CA GLN A 214 -10.35 -10.07 -13.39
C GLN A 214 -10.44 -11.45 -12.75
N ARG A 215 -11.27 -12.30 -13.33
CA ARG A 215 -11.37 -13.70 -12.94
CA ARG A 215 -11.35 -13.68 -12.88
C ARG A 215 -9.99 -14.35 -13.05
N GLU A 216 -9.64 -15.18 -12.07
CA GLU A 216 -8.39 -15.95 -12.10
C GLU A 216 -7.13 -15.09 -12.20
N ARG A 217 -7.19 -13.85 -11.70
CA ARG A 217 -6.03 -12.96 -11.67
C ARG A 217 -5.97 -12.28 -10.30
N PRO A 218 -5.46 -12.99 -9.28
CA PRO A 218 -5.30 -12.38 -7.95
C PRO A 218 -4.39 -11.16 -7.96
N GLY A 219 -4.64 -10.22 -7.06
CA GLY A 219 -3.73 -9.10 -6.86
C GLY A 219 -2.47 -9.62 -6.22
N VAL A 220 -1.33 -9.04 -6.60
CA VAL A 220 -0.04 -9.42 -6.05
C VAL A 220 0.48 -8.29 -5.16
N TYR A 221 0.89 -8.67 -3.96
CA TYR A 221 1.32 -7.72 -2.95
C TYR A 221 2.70 -8.08 -2.46
N THR A 222 3.46 -7.06 -2.05
CA THR A 222 4.75 -7.29 -1.41
C THR A 222 4.47 -7.95 -0.07
N ASN A 223 5.15 -9.07 0.20
CA ASN A 223 4.97 -9.82 1.44
C ASN A 223 5.80 -9.17 2.54
N VAL A 224 5.16 -8.31 3.32
CA VAL A 224 5.87 -7.39 4.21
C VAL A 224 6.77 -8.13 5.23
N VAL A 225 6.30 -9.26 5.73
CA VAL A 225 7.06 -10.02 6.76
C VAL A 225 8.47 -10.41 6.27
N GLU A 226 8.64 -10.58 4.95
CA GLU A 226 9.96 -10.87 4.37
C GLU A 226 10.92 -9.69 4.37
N TYR A 227 10.42 -8.52 4.75
CA TYR A 227 11.20 -7.30 4.73
C TYR A 227 11.33 -6.63 6.10
N VAL A 228 10.89 -7.28 7.17
CA VAL A 228 11.01 -6.63 8.50
C VAL A 228 12.48 -6.39 8.89
N ASP A 229 13.39 -7.28 8.51
CA ASP A 229 14.82 -7.03 8.74
C ASP A 229 15.30 -5.79 7.98
N TRP A 230 14.91 -5.68 6.71
CA TRP A 230 15.25 -4.54 5.87
C TRP A 230 14.69 -3.24 6.44
N ILE A 231 13.42 -3.26 6.83
CA ILE A 231 12.79 -2.07 7.42
C ILE A 231 13.55 -1.64 8.66
N LEU A 232 13.88 -2.60 9.54
CA LEU A 232 14.64 -2.26 10.74
C LEU A 232 15.97 -1.60 10.38
N GLU A 233 16.70 -2.21 9.47
CA GLU A 233 17.98 -1.70 9.02
C GLU A 233 17.88 -0.26 8.49
N LYS A 234 16.88 0.00 7.66
CA LYS A 234 16.77 1.28 6.97
C LYS A 234 16.20 2.40 7.84
N THR A 235 15.47 2.05 8.89
CA THR A 235 14.85 3.06 9.75
C THR A 235 15.72 3.46 10.95
N GLN A 236 16.92 2.88 11.07
CA GLN A 236 17.88 3.28 12.13
C GLN A 236 18.61 4.56 11.74
N ALA A 237 18.83 5.42 12.71
CA ALA A 237 19.66 6.62 12.50
C ALA A 237 21.12 6.21 12.36
N VAL A 238 21.92 7.08 11.74
CA VAL A 238 23.38 6.90 11.63
C VAL A 238 24.09 8.26 11.63
C1 MVN B . -4.12 -5.31 -9.68
C2 MVN B . -3.84 -5.77 -8.42
C3 MVN B . -2.45 -3.86 -8.03
C4 MVN B . -2.74 -3.39 -9.30
C5 MVN B . -3.57 -4.12 -10.11
C6 MVN B . -3.00 -5.05 -7.59
C7 MVN B . -2.47 -1.69 -11.02
C8 MVN B . -2.19 -2.14 -9.80
C9 MVN B . -3.36 -2.47 -11.92
C10 MVN B . -1.30 -1.38 -8.88
N11 MVN B . -3.85 -3.65 -11.40
O12 MVN B . -3.61 -2.06 -13.04
CL1 MVN B . -2.62 -5.65 -6.00
S SO4 C . -20.49 3.12 -1.54
O1 SO4 C . -19.20 3.00 -2.24
O2 SO4 C . -20.96 1.80 -1.06
O3 SO4 C . -20.35 4.01 -0.39
O4 SO4 C . -21.50 3.69 -2.48
S SO4 D . -12.09 -1.95 13.12
O1 SO4 D . -10.73 -1.37 13.07
O2 SO4 D . -12.00 -3.41 13.32
O3 SO4 D . -12.84 -1.32 14.23
O4 SO4 D . -12.80 -1.69 11.85
S SO4 E . 14.19 -15.85 8.33
O1 SO4 E . 15.08 -15.30 7.29
O2 SO4 E . 14.99 -16.31 9.48
O3 SO4 E . 13.23 -14.81 8.77
O4 SO4 E . 13.44 -17.00 7.76
S SO4 F . 17.00 -7.69 2.55
O1 SO4 F . 17.86 -6.50 2.38
O2 SO4 F . 16.72 -7.88 4.00
O3 SO4 F . 15.75 -7.56 1.78
O4 SO4 F . 17.74 -8.87 2.05
S SO4 G . -0.22 2.76 -10.39
O1 SO4 G . -0.37 4.08 -11.03
O2 SO4 G . -1.11 2.68 -9.21
O3 SO4 G . -0.59 1.71 -11.36
O4 SO4 G . 1.18 2.57 -9.97
S SO4 H . -5.15 5.53 -17.65
O1 SO4 H . -4.42 6.16 -18.77
O2 SO4 H . -6.59 5.88 -17.74
O3 SO4 H . -5.01 4.05 -17.70
O4 SO4 H . -4.57 6.03 -16.39
S SO4 I . -13.47 -17.59 -3.67
O1 SO4 I . -14.78 -17.03 -4.06
O2 SO4 I . -13.06 -17.02 -2.36
O3 SO4 I . -13.55 -19.07 -3.55
O4 SO4 I . -12.48 -17.25 -4.71
S SO4 J . -0.02 16.66 12.54
O1 SO4 J . -0.75 16.18 11.33
O2 SO4 J . 0.73 17.89 12.20
O3 SO4 J . 0.94 15.65 13.06
O4 SO4 J . -1.04 16.96 13.58
#